data_8DWD
#
_entry.id   8DWD
#
_cell.length_a   37.740
_cell.length_b   85.920
_cell.length_c   140.690
_cell.angle_alpha   90.000
_cell.angle_beta   90.000
_cell.angle_gamma   90.000
#
_symmetry.space_group_name_H-M   'P 21 21 21'
#
loop_
_entity.id
_entity.type
_entity.pdbx_description
1 polymer 'Adenine DNA glycosylase'
2 polymer "DNA (5'-D(*AP*AP*GP*AP*CP*(8OG)P*TP*GP*GP*AP*C)-3')"
3 polymer "DNA (5'-D(*TP*GP*TP*CP*CP*AP*(ORP)P*GP*TP*CP*T)-3')"
4 non-polymer 'IRON/SULFUR CLUSTER'
5 non-polymer 'ACETATE ION'
6 non-polymer 'CALCIUM ION'
7 water water
#
loop_
_entity_poly.entity_id
_entity_poly.type
_entity_poly.pdbx_seq_one_letter_code
_entity_poly.pdbx_strand_id
1 'polypeptide(L)'
;MTRETERFPAREFQRDLLDWFARERRDLPWRKDRDPYKVWVSSVMLQQTRVETVIPYFEQFIDRFPTLEALADADEDEVL
KAWEGLGYYSRVRNLHAAVKEVKTRYGGKVPDDPDEFSRLKGVGPYTVGAVLSLAYGVPEPAVDGNVMRVLSRLFLVTDD
IAKPSTRKRFEQIVREIMAYENPGAFNEALIELGALVCTPRRPSCLLCPVQAYCQAFAEGVAEELPVKMKKTAVKQVPLA
VAVLADDEGRVLIRKRDSTGLLANLWEFPSCETDGADGKEKLEQMVGEQYGLQVELTEPIVSFEHAFSHLVWQLTVFPGR
LVHGGPVEEPYRLAPEDELKAYAFPVSHQRVWREYKEWASGVRRP
;
A
2 'polydeoxyribonucleotide' (DA)(DA)(DG)(DA)(DC)(8OG)(DT)(DG)(DG)(DA)(DC) B
3 'polydeoxyribonucleotide' (DT)(DG)(DT)(DC)(DC)(DA)(ORP)(DG)(DT)(DC)(DT) C
#
# COMPACT_ATOMS: atom_id res chain seq x y z
C PHE A 8 -6.03 25.18 23.74
N PRO A 9 -6.35 24.35 24.74
CA PRO A 9 -5.40 24.05 25.81
C PRO A 9 -4.29 23.10 25.36
N ALA A 10 -3.36 23.64 24.57
CA ALA A 10 -2.40 22.80 23.87
C ALA A 10 -1.57 21.97 24.85
N ARG A 11 -0.96 22.62 25.84
CA ARG A 11 -0.05 21.93 26.73
C ARG A 11 -0.75 20.82 27.49
N GLU A 12 -1.96 21.10 28.01
CA GLU A 12 -2.70 20.06 28.70
C GLU A 12 -2.98 18.89 27.77
N PHE A 13 -3.51 19.20 26.58
CA PHE A 13 -3.75 18.16 25.58
C PHE A 13 -2.48 17.37 25.27
N GLN A 14 -1.40 18.07 24.92
CA GLN A 14 -0.17 17.38 24.55
C GLN A 14 0.30 16.42 25.65
N ARG A 15 0.29 16.89 26.91
CA ARG A 15 0.82 16.04 27.97
C ARG A 15 -0.02 14.78 28.17
N ASP A 16 -1.35 14.93 28.11
CA ASP A 16 -2.23 13.78 28.28
C ASP A 16 -2.06 12.79 27.13
N LEU A 17 -1.73 13.29 25.93
CA LEU A 17 -1.49 12.45 24.76
C LEU A 17 -0.12 11.80 24.81
N LEU A 18 0.92 12.59 25.04
CA LEU A 18 2.26 12.06 24.93
C LEU A 18 2.64 11.17 26.11
N ASP A 19 2.07 11.42 27.30
CA ASP A 19 2.28 10.48 28.39
C ASP A 19 1.58 9.17 28.11
N TRP A 20 0.38 9.24 27.52
CA TRP A 20 -0.29 8.03 27.06
C TRP A 20 0.59 7.29 26.04
N PHE A 21 1.18 8.02 25.10
CA PHE A 21 1.96 7.37 24.06
C PHE A 21 3.14 6.60 24.64
N ALA A 22 3.92 7.26 25.49
CA ALA A 22 5.06 6.60 26.13
C ALA A 22 4.65 5.31 26.81
N ARG A 23 3.41 5.24 27.32
CA ARG A 23 2.92 4.06 28.02
C ARG A 23 2.39 2.98 27.08
N GLU A 24 1.66 3.38 26.03
CA GLU A 24 0.91 2.44 25.20
C GLU A 24 1.51 2.21 23.83
N ARG A 25 2.51 2.98 23.42
CA ARG A 25 3.17 2.81 22.12
C ARG A 25 3.41 1.36 21.81
N ARG A 26 2.95 0.90 20.65
CA ARG A 26 3.27 -0.46 20.19
C ARG A 26 4.73 -0.55 19.77
N ASP A 27 5.41 -1.61 20.23
CA ASP A 27 6.79 -1.89 19.81
C ASP A 27 6.80 -2.56 18.45
N LEU A 28 6.62 -1.76 17.43
CA LEU A 28 6.58 -2.20 16.04
C LEU A 28 7.98 -2.21 15.45
N PRO A 29 8.17 -3.03 14.40
CA PRO A 29 9.53 -3.26 13.88
C PRO A 29 10.21 -2.02 13.36
N TRP A 30 9.47 -1.12 12.71
CA TRP A 30 10.05 0.12 12.21
C TRP A 30 10.27 1.16 13.30
N ARG A 31 9.93 0.86 14.55
CA ARG A 31 10.18 1.78 15.65
C ARG A 31 11.45 1.44 16.42
N LYS A 32 12.22 0.49 15.93
CA LYS A 32 13.44 0.08 16.62
C LYS A 32 14.50 1.15 16.54
N ASP A 33 14.52 1.92 15.46
CA ASP A 33 15.42 3.05 15.34
C ASP A 33 14.68 4.16 14.60
N ARG A 34 15.22 5.37 14.66
CA ARG A 34 14.62 6.49 13.91
C ARG A 34 15.38 6.75 12.62
N ASP A 35 15.78 5.67 11.96
CA ASP A 35 16.54 5.74 10.72
C ASP A 35 15.64 6.15 9.57
N PRO A 36 16.01 7.19 8.80
CA PRO A 36 15.09 7.65 7.75
C PRO A 36 14.78 6.60 6.69
N TYR A 37 15.75 5.77 6.29
CA TYR A 37 15.45 4.74 5.30
C TYR A 37 14.34 3.82 5.76
N LYS A 38 14.41 3.36 7.02
CA LYS A 38 13.42 2.41 7.51
C LYS A 38 12.09 3.08 7.83
N VAL A 39 12.12 4.33 8.27
CA VAL A 39 10.88 5.06 8.46
C VAL A 39 10.21 5.30 7.12
N TRP A 40 11.02 5.55 6.07
CA TRP A 40 10.50 5.78 4.72
C TRP A 40 9.86 4.50 4.16
N VAL A 41 10.57 3.37 4.22
CA VAL A 41 10.00 2.11 3.72
C VAL A 41 8.71 1.78 4.45
N SER A 42 8.71 1.83 5.79
CA SER A 42 7.48 1.51 6.51
C SER A 42 6.37 2.51 6.19
N SER A 43 6.72 3.80 6.06
CA SER A 43 5.70 4.81 5.73
C SER A 43 5.04 4.52 4.40
N VAL A 44 5.81 4.03 3.42
CA VAL A 44 5.22 3.71 2.12
C VAL A 44 4.38 2.44 2.21
N MET A 45 4.92 1.38 2.83
CA MET A 45 4.18 0.14 3.00
C MET A 45 2.87 0.37 3.73
N LEU A 46 2.84 1.31 4.68
CA LEU A 46 1.65 1.53 5.48
C LEU A 46 0.57 2.30 4.74
N GLN A 47 0.86 2.86 3.58
CA GLN A 47 -0.16 3.61 2.87
C GLN A 47 -1.30 2.69 2.45
N GLN A 48 -2.51 3.01 2.93
CA GLN A 48 -3.72 2.23 2.64
C GLN A 48 -3.55 0.76 2.99
N THR A 49 -2.76 0.47 4.02
CA THR A 49 -2.44 -0.91 4.39
C THR A 49 -2.28 -0.97 5.90
N ARG A 50 -2.94 -1.93 6.54
CA ARG A 50 -2.93 -2.01 8.00
C ARG A 50 -1.59 -2.51 8.55
N VAL A 51 -1.26 -2.00 9.74
CA VAL A 51 -0.02 -2.37 10.39
C VAL A 51 0.18 -3.88 10.42
N GLU A 52 -0.83 -4.63 10.86
CA GLU A 52 -0.66 -6.08 11.00
C GLU A 52 -0.30 -6.74 9.67
N THR A 53 -0.80 -6.21 8.55
CA THR A 53 -0.43 -6.75 7.24
C THR A 53 1.01 -6.41 6.88
N VAL A 54 1.43 -5.21 7.24
CA VAL A 54 2.76 -4.74 6.84
C VAL A 54 3.88 -5.47 7.57
N ILE A 55 3.72 -5.79 8.85
CA ILE A 55 4.82 -6.32 9.68
C ILE A 55 5.65 -7.37 8.94
N PRO A 56 5.08 -8.44 8.38
CA PRO A 56 5.93 -9.47 7.73
C PRO A 56 6.60 -8.95 6.47
N TYR A 57 5.91 -8.10 5.72
CA TYR A 57 6.53 -7.54 4.53
C TYR A 57 7.69 -6.65 4.89
N PHE A 58 7.54 -5.81 5.91
CA PHE A 58 8.63 -4.95 6.32
C PHE A 58 9.84 -5.78 6.71
N GLU A 59 9.63 -6.80 7.55
CA GLU A 59 10.76 -7.58 8.03
C GLU A 59 11.50 -8.24 6.86
N GLN A 60 10.75 -8.87 5.96
CA GLN A 60 11.38 -9.54 4.83
C GLN A 60 12.11 -8.52 3.97
N PHE A 61 11.48 -7.37 3.74
CA PHE A 61 12.01 -6.36 2.83
C PHE A 61 13.33 -5.81 3.34
N ILE A 62 13.37 -5.43 4.61
CA ILE A 62 14.60 -4.88 5.17
C ILE A 62 15.69 -5.94 5.24
N ASP A 63 15.31 -7.20 5.45
CA ASP A 63 16.28 -8.29 5.42
C ASP A 63 16.92 -8.42 4.05
N ARG A 64 16.10 -8.32 3.00
CA ARG A 64 16.59 -8.35 1.63
C ARG A 64 17.27 -7.06 1.24
N PHE A 65 16.81 -5.92 1.74
CA PHE A 65 17.31 -4.61 1.34
C PHE A 65 17.64 -3.79 2.60
N PRO A 66 18.80 -4.05 3.21
CA PRO A 66 19.09 -3.47 4.52
C PRO A 66 19.32 -1.98 4.49
N THR A 67 19.70 -1.43 3.35
CA THR A 67 20.08 -0.03 3.19
C THR A 67 19.40 0.53 1.95
N LEU A 68 19.45 1.86 1.85
CA LEU A 68 18.95 2.53 0.65
C LEU A 68 19.69 2.08 -0.60
N GLU A 69 21.01 1.84 -0.48
CA GLU A 69 21.81 1.49 -1.66
C GLU A 69 21.52 0.08 -2.13
N ALA A 70 21.32 -0.85 -1.20
CA ALA A 70 20.92 -2.20 -1.57
C ALA A 70 19.57 -2.18 -2.26
N LEU A 71 18.69 -1.29 -1.84
CA LEU A 71 17.42 -1.15 -2.56
C LEU A 71 17.67 -0.54 -3.94
N ALA A 72 18.46 0.52 -4.00
CA ALA A 72 18.72 1.15 -5.28
C ALA A 72 19.39 0.18 -6.25
N ASP A 73 20.36 -0.62 -5.76
CA ASP A 73 21.13 -1.53 -6.61
C ASP A 73 20.35 -2.78 -7.02
N ALA A 74 19.16 -3.02 -6.48
CA ALA A 74 18.42 -4.24 -6.76
C ALA A 74 17.64 -4.14 -8.07
N ASP A 75 17.48 -5.28 -8.74
CA ASP A 75 16.71 -5.32 -9.97
C ASP A 75 15.23 -5.08 -9.67
N GLU A 76 14.54 -4.37 -10.57
CA GLU A 76 13.13 -4.07 -10.35
C GLU A 76 12.33 -5.32 -10.05
N ASP A 77 12.69 -6.45 -10.66
CA ASP A 77 11.92 -7.67 -10.45
C ASP A 77 12.04 -8.15 -9.01
N GLU A 78 13.22 -7.97 -8.42
CA GLU A 78 13.43 -8.43 -7.05
C GLU A 78 12.67 -7.54 -6.07
N VAL A 79 12.62 -6.24 -6.34
CA VAL A 79 11.92 -5.33 -5.44
C VAL A 79 10.42 -5.55 -5.52
N LEU A 80 9.93 -5.82 -6.73
CA LEU A 80 8.51 -6.11 -6.88
CA LEU A 80 8.51 -6.09 -6.88
C LEU A 80 8.14 -7.40 -6.19
N LYS A 81 8.99 -8.43 -6.31
CA LYS A 81 8.69 -9.69 -5.64
C LYS A 81 8.54 -9.48 -4.14
N ALA A 82 9.38 -8.62 -3.57
CA ALA A 82 9.30 -8.37 -2.14
C ALA A 82 8.01 -7.67 -1.77
N TRP A 83 7.35 -7.02 -2.74
CA TRP A 83 6.09 -6.33 -2.56
C TRP A 83 4.91 -7.21 -2.93
N GLU A 84 5.17 -8.40 -3.48
CA GLU A 84 4.12 -9.22 -4.04
C GLU A 84 3.05 -9.48 -3.01
N GLY A 85 1.83 -9.06 -3.32
CA GLY A 85 0.68 -9.29 -2.48
C GLY A 85 0.33 -8.14 -1.59
N LEU A 86 1.19 -7.14 -1.48
CA LEU A 86 0.84 -6.02 -0.61
C LEU A 86 -0.13 -5.05 -1.28
N GLY A 87 -0.21 -5.02 -2.61
CA GLY A 87 -1.14 -4.14 -3.29
C GLY A 87 -0.55 -2.76 -3.58
N TYR A 88 -1.32 -1.97 -4.33
CA TYR A 88 -0.87 -0.67 -4.83
C TYR A 88 0.62 -0.64 -5.16
N TYR A 89 0.95 -1.38 -6.21
CA TYR A 89 2.34 -1.66 -6.53
C TYR A 89 3.10 -0.45 -7.04
N SER A 90 2.42 0.60 -7.50
CA SER A 90 3.17 1.79 -7.91
C SER A 90 3.90 2.40 -6.72
N ARG A 91 3.46 2.12 -5.49
CA ARG A 91 4.25 2.54 -4.34
C ARG A 91 5.67 2.02 -4.43
N VAL A 92 5.87 0.77 -4.80
CA VAL A 92 7.23 0.27 -4.74
C VAL A 92 8.03 0.69 -5.97
N ARG A 93 7.37 0.88 -7.12
CA ARG A 93 8.08 1.42 -8.27
C ARG A 93 8.54 2.86 -7.99
N ASN A 94 7.68 3.66 -7.35
CA ASN A 94 8.04 5.03 -6.98
C ASN A 94 9.15 5.06 -5.93
N LEU A 95 9.06 4.19 -4.92
CA LEU A 95 10.12 4.09 -3.93
C LEU A 95 11.45 3.69 -4.57
N HIS A 96 11.43 2.67 -5.43
CA HIS A 96 12.65 2.20 -6.07
C HIS A 96 13.31 3.33 -6.85
N ALA A 97 12.51 3.99 -7.69
CA ALA A 97 12.99 5.16 -8.40
C ALA A 97 13.49 6.23 -7.44
N ALA A 98 12.73 6.49 -6.37
CA ALA A 98 13.11 7.57 -5.47
C ALA A 98 14.42 7.28 -4.75
N VAL A 99 14.67 6.03 -4.37
CA VAL A 99 15.97 5.75 -3.75
C VAL A 99 17.07 5.80 -4.79
N LYS A 100 16.80 5.32 -6.01
CA LYS A 100 17.78 5.45 -7.08
C LYS A 100 18.20 6.91 -7.24
N GLU A 101 17.22 7.81 -7.28
CA GLU A 101 17.54 9.24 -7.34
C GLU A 101 18.37 9.68 -6.13
N VAL A 102 18.04 9.14 -4.95
CA VAL A 102 18.74 9.59 -3.75
C VAL A 102 20.17 9.09 -3.73
N LYS A 103 20.42 7.90 -4.29
CA LYS A 103 21.80 7.45 -4.46
C LYS A 103 22.50 8.26 -5.54
N THR A 104 21.88 8.38 -6.72
CA THR A 104 22.49 9.13 -7.83
C THR A 104 22.68 10.59 -7.46
N ARG A 105 21.59 11.28 -7.15
CA ARG A 105 21.69 12.72 -6.94
C ARG A 105 22.31 13.06 -5.59
N TYR A 106 21.79 12.49 -4.51
CA TYR A 106 22.16 12.95 -3.19
C TYR A 106 23.21 12.07 -2.49
N GLY A 107 23.91 11.21 -3.24
CA GLY A 107 24.97 10.42 -2.64
C GLY A 107 24.50 9.38 -1.64
N GLY A 108 23.22 9.03 -1.67
CA GLY A 108 22.70 8.04 -0.77
C GLY A 108 22.12 8.58 0.52
N LYS A 109 22.14 9.89 0.74
CA LYS A 109 21.54 10.48 1.92
C LYS A 109 20.14 10.98 1.62
N VAL A 110 19.19 10.57 2.45
CA VAL A 110 17.81 11.01 2.34
C VAL A 110 17.74 12.52 2.61
N PRO A 111 17.24 13.33 1.68
CA PRO A 111 17.15 14.77 1.93
C PRO A 111 16.40 15.05 3.22
N ASP A 112 16.86 16.04 3.98
CA ASP A 112 16.12 16.50 5.15
C ASP A 112 15.35 17.78 4.87
N ASP A 113 15.39 18.26 3.63
CA ASP A 113 14.62 19.41 3.19
C ASP A 113 13.25 18.92 2.75
N PRO A 114 12.16 19.44 3.33
CA PRO A 114 10.83 19.01 2.90
C PRO A 114 10.56 19.13 1.41
N ASP A 115 10.92 20.26 0.77
CA ASP A 115 10.58 20.38 -0.64
C ASP A 115 11.46 19.48 -1.50
N GLU A 116 12.72 19.27 -1.12
CA GLU A 116 13.56 18.38 -1.90
C GLU A 116 13.13 16.92 -1.70
N PHE A 117 12.74 16.57 -0.47
CA PHE A 117 12.27 15.21 -0.23
C PHE A 117 10.99 14.94 -0.98
N SER A 118 10.09 15.92 -1.03
CA SER A 118 8.80 15.71 -1.66
C SER A 118 8.89 15.65 -3.18
N ARG A 119 9.96 16.19 -3.77
CA ARG A 119 10.16 16.04 -5.20
C ARG A 119 10.27 14.58 -5.60
N LEU A 120 10.63 13.71 -4.65
CA LEU A 120 10.85 12.32 -4.94
C LEU A 120 9.51 11.62 -5.16
N LYS A 121 9.50 10.70 -6.13
CA LYS A 121 8.27 9.99 -6.46
C LYS A 121 7.75 9.22 -5.27
N GLY A 122 6.42 9.29 -5.08
CA GLY A 122 5.72 8.63 -3.99
C GLY A 122 5.70 9.40 -2.70
N VAL A 123 6.49 10.45 -2.57
CA VAL A 123 6.59 11.19 -1.33
C VAL A 123 5.53 12.28 -1.35
N GLY A 124 4.38 12.00 -0.75
CA GLY A 124 3.33 12.98 -0.60
C GLY A 124 3.38 13.56 0.80
N PRO A 125 2.36 14.32 1.16
CA PRO A 125 2.45 15.11 2.40
C PRO A 125 2.57 14.27 3.65
N TYR A 126 1.86 13.15 3.72
CA TYR A 126 2.00 12.28 4.87
C TYR A 126 3.43 11.75 4.99
N THR A 127 3.97 11.21 3.89
CA THR A 127 5.30 10.63 3.93
C THR A 127 6.37 11.67 4.26
N VAL A 128 6.20 12.91 3.81
CA VAL A 128 7.14 13.96 4.18
C VAL A 128 7.15 14.16 5.69
N GLY A 129 5.96 14.39 6.25
CA GLY A 129 5.88 14.56 7.68
C GLY A 129 6.42 13.37 8.44
N ALA A 130 6.07 12.16 8.00
CA ALA A 130 6.42 10.97 8.77
C ALA A 130 7.94 10.81 8.84
N VAL A 131 8.60 10.90 7.71
CA VAL A 131 10.02 10.61 7.69
C VAL A 131 10.79 11.78 8.30
N LEU A 132 10.49 13.01 7.88
CA LEU A 132 11.31 14.12 8.35
C LEU A 132 11.09 14.38 9.84
N SER A 133 9.86 14.23 10.34
CA SER A 133 9.63 14.52 11.75
C SER A 133 10.20 13.45 12.69
N LEU A 134 10.28 12.19 12.24
CA LEU A 134 10.82 11.12 13.08
C LEU A 134 12.33 10.97 12.89
N ALA A 135 12.79 10.91 11.64
CA ALA A 135 14.21 10.64 11.37
C ALA A 135 15.08 11.86 11.64
N TYR A 136 14.64 13.05 11.25
CA TYR A 136 15.45 14.26 11.33
C TYR A 136 14.91 15.31 12.29
N GLY A 137 13.72 15.13 12.86
CA GLY A 137 13.17 16.08 13.79
C GLY A 137 12.46 17.28 13.19
N VAL A 138 12.26 17.32 11.88
CA VAL A 138 11.63 18.47 11.21
C VAL A 138 10.15 18.53 11.58
N PRO A 139 9.63 19.66 12.02
CA PRO A 139 8.26 19.72 12.57
C PRO A 139 7.15 19.75 11.52
N GLU A 140 7.22 18.82 10.56
CA GLU A 140 6.21 18.75 9.51
C GLU A 140 5.04 17.86 9.93
N PRO A 141 3.80 18.21 9.67
CA PRO A 141 2.69 17.32 10.08
C PRO A 141 2.66 16.04 9.24
N ALA A 142 2.15 14.97 9.85
CA ALA A 142 2.06 13.65 9.20
C ALA A 142 0.60 13.20 9.32
N VAL A 143 -0.26 13.78 8.50
CA VAL A 143 -1.70 13.58 8.59
C VAL A 143 -2.08 12.39 7.72
N ASP A 144 -2.40 11.29 8.38
CA ASP A 144 -2.92 10.10 7.73
C ASP A 144 -4.39 10.00 8.05
N GLY A 145 -5.02 8.89 7.65
CA GLY A 145 -6.42 8.73 7.95
C GLY A 145 -6.70 8.76 9.44
N ASN A 146 -5.86 8.08 10.21
CA ASN A 146 -5.99 8.14 11.66
C ASN A 146 -6.00 9.57 12.17
N VAL A 147 -5.03 10.37 11.74
CA VAL A 147 -4.93 11.74 12.26
C VAL A 147 -6.14 12.56 11.84
N MET A 148 -6.60 12.42 10.59
CA MET A 148 -7.80 13.16 10.17
C MET A 148 -9.00 12.79 11.02
N ARG A 149 -9.17 11.50 11.33
CA ARG A 149 -10.29 11.09 12.17
C ARG A 149 -10.18 11.68 13.57
N VAL A 150 -8.99 11.63 14.16
CA VAL A 150 -8.79 12.18 15.50
C VAL A 150 -9.12 13.66 15.52
N LEU A 151 -8.56 14.39 14.56
CA LEU A 151 -8.76 15.84 14.53
C LEU A 151 -10.18 16.21 14.15
N SER A 152 -10.85 15.41 13.33
CA SER A 152 -12.25 15.71 13.03
C SER A 152 -13.12 15.64 14.28
N ARG A 153 -12.87 14.65 15.14
CA ARG A 153 -13.68 14.48 16.34
C ARG A 153 -13.32 15.53 17.38
N LEU A 154 -12.02 15.79 17.52
CA LEU A 154 -11.56 16.76 18.51
C LEU A 154 -12.15 18.12 18.24
N PHE A 155 -12.00 18.61 17.01
CA PHE A 155 -12.41 19.96 16.68
C PHE A 155 -13.72 20.00 15.91
N LEU A 156 -14.47 18.90 15.91
CA LEU A 156 -15.80 18.83 15.30
C LEU A 156 -15.75 19.41 13.88
N VAL A 157 -14.73 18.98 13.12
CA VAL A 157 -14.60 19.34 11.72
C VAL A 157 -15.50 18.41 10.92
N THR A 158 -16.59 18.96 10.39
CA THR A 158 -17.60 18.19 9.68
C THR A 158 -17.41 18.23 8.17
N ASP A 159 -16.30 18.77 7.70
CA ASP A 159 -16.03 18.81 6.27
C ASP A 159 -15.68 17.42 5.75
N ASP A 160 -15.90 17.22 4.46
CA ASP A 160 -15.47 15.98 3.82
C ASP A 160 -13.94 15.92 3.85
N ILE A 161 -13.41 14.87 4.51
CA ILE A 161 -11.95 14.72 4.59
C ILE A 161 -11.33 14.25 3.29
N ALA A 162 -12.16 13.78 2.34
CA ALA A 162 -11.65 13.37 1.04
C ALA A 162 -11.21 14.56 0.21
N LYS A 163 -11.78 15.72 0.47
CA LYS A 163 -11.35 16.91 -0.25
C LYS A 163 -9.93 17.25 0.17
N PRO A 164 -9.01 17.47 -0.79
CA PRO A 164 -7.67 17.94 -0.40
C PRO A 164 -7.68 19.14 0.53
N SER A 165 -8.62 20.06 0.35
CA SER A 165 -8.65 21.25 1.19
C SER A 165 -8.84 20.90 2.66
N THR A 166 -9.73 19.96 2.95
CA THR A 166 -9.89 19.54 4.33
C THR A 166 -8.57 19.08 4.91
N ARG A 167 -7.82 18.30 4.14
CA ARG A 167 -6.49 17.87 4.57
C ARG A 167 -5.60 19.06 4.85
N LYS A 168 -5.67 20.09 4.02
CA LYS A 168 -4.88 21.28 4.28
C LYS A 168 -5.32 22.00 5.55
N ARG A 169 -6.59 21.91 5.91
CA ARG A 169 -7.04 22.49 7.18
C ARG A 169 -6.51 21.67 8.37
N PHE A 170 -6.55 20.34 8.24
CA PHE A 170 -5.99 19.51 9.29
C PHE A 170 -4.51 19.82 9.49
N GLU A 171 -3.78 19.97 8.39
CA GLU A 171 -2.35 20.23 8.49
C GLU A 171 -2.05 21.56 9.16
N GLN A 172 -2.97 22.54 9.06
CA GLN A 172 -2.78 23.79 9.77
C GLN A 172 -3.06 23.61 11.26
N ILE A 173 -4.14 22.88 11.59
CA ILE A 173 -4.46 22.60 12.99
C ILE A 173 -3.27 21.92 13.67
N VAL A 174 -2.66 20.94 13.00
CA VAL A 174 -1.53 20.23 13.61
C VAL A 174 -0.41 21.21 13.95
N ARG A 175 -0.10 22.12 13.02
CA ARG A 175 0.98 23.05 13.27
C ARG A 175 0.66 23.99 14.42
N GLU A 176 -0.62 24.25 14.68
CA GLU A 176 -1.00 25.09 15.80
C GLU A 176 -0.88 24.34 17.13
N ILE A 177 -1.43 23.13 17.22
CA ILE A 177 -1.46 22.43 18.50
C ILE A 177 -0.25 21.54 18.70
N MET A 178 0.67 21.49 17.73
CA MET A 178 1.80 20.57 17.76
C MET A 178 2.76 20.92 18.88
N ALA A 179 3.40 19.89 19.43
CA ALA A 179 4.47 20.09 20.41
C ALA A 179 5.78 20.21 19.65
N TYR A 180 6.17 21.45 19.30
CA TYR A 180 7.40 21.67 18.53
C TYR A 180 8.64 21.16 19.27
N GLU A 181 8.53 20.89 20.57
CA GLU A 181 9.64 20.31 21.33
C GLU A 181 9.94 18.89 20.87
N ASN A 182 8.90 18.06 20.71
CA ASN A 182 9.06 16.64 20.35
C ASN A 182 8.11 16.31 19.21
N PRO A 183 8.43 16.76 17.99
CA PRO A 183 7.48 16.65 16.88
C PRO A 183 7.22 15.23 16.42
N GLY A 184 8.33 14.51 16.18
CA GLY A 184 8.25 13.09 15.87
C GLY A 184 7.34 12.33 16.81
N ALA A 185 7.49 12.58 18.12
CA ALA A 185 6.66 11.84 19.06
C ALA A 185 5.23 12.36 19.06
N PHE A 186 5.07 13.67 18.88
CA PHE A 186 3.71 14.20 18.79
C PHE A 186 3.00 13.57 17.60
N ASN A 187 3.70 13.41 16.48
CA ASN A 187 3.06 12.94 15.26
C ASN A 187 2.71 11.47 15.37
N GLU A 188 3.67 10.66 15.83
CA GLU A 188 3.40 9.24 16.04
C GLU A 188 2.27 9.04 17.05
N ALA A 189 2.21 9.89 18.07
CA ALA A 189 1.21 9.71 19.12
C ALA A 189 -0.20 9.98 18.61
N LEU A 190 -0.37 11.00 17.76
CA LEU A 190 -1.68 11.21 17.13
C LEU A 190 -2.06 10.04 16.26
N ILE A 191 -1.11 9.56 15.44
CA ILE A 191 -1.37 8.39 14.62
C ILE A 191 -1.77 7.20 15.51
N GLU A 192 -0.95 6.95 16.54
CA GLU A 192 -1.18 5.82 17.42
C GLU A 192 -2.50 5.98 18.15
N LEU A 193 -2.86 7.22 18.49
CA LEU A 193 -4.14 7.46 19.15
C LEU A 193 -5.29 7.02 18.26
N GLY A 194 -5.24 7.40 16.99
CA GLY A 194 -6.31 6.97 16.11
C GLY A 194 -6.31 5.47 15.89
N ALA A 195 -5.14 4.85 15.97
CA ALA A 195 -5.04 3.41 15.71
C ALA A 195 -5.59 2.62 16.88
N LEU A 196 -5.37 3.10 18.09
CA LEU A 196 -5.61 2.30 19.28
C LEU A 196 -6.81 2.77 20.10
N VAL A 197 -7.17 4.05 20.03
CA VAL A 197 -8.22 4.59 20.88
C VAL A 197 -9.38 5.16 20.07
N CYS A 198 -9.07 6.10 19.21
CA CYS A 198 -10.08 6.86 18.48
CA CYS A 198 -10.04 6.90 18.46
C CYS A 198 -10.35 6.20 17.12
N THR A 199 -10.86 4.99 17.23
CA THR A 199 -11.03 4.08 16.12
C THR A 199 -12.25 4.44 15.27
N PRO A 200 -12.27 4.04 14.00
CA PRO A 200 -13.45 4.26 13.16
C PRO A 200 -14.78 3.94 13.84
N ARG A 201 -14.95 2.74 14.39
CA ARG A 201 -16.20 2.34 15.02
C ARG A 201 -16.01 2.21 16.53
N ARG A 202 -17.08 2.47 17.28
CA ARG A 202 -17.11 2.34 18.74
C ARG A 202 -15.78 2.84 19.34
N PRO A 203 -15.43 4.10 19.14
CA PRO A 203 -14.22 4.66 19.77
C PRO A 203 -14.27 4.59 21.30
N SER A 204 -13.11 4.35 21.91
CA SER A 204 -13.01 4.13 23.36
C SER A 204 -12.79 5.45 24.10
N CYS A 205 -13.80 6.30 23.99
CA CYS A 205 -13.71 7.68 24.49
CA CYS A 205 -13.60 7.66 24.48
C CYS A 205 -13.46 7.70 25.99
N LEU A 206 -14.08 6.78 26.71
CA LEU A 206 -13.92 6.82 28.17
C LEU A 206 -12.48 6.52 28.55
N LEU A 207 -11.87 5.52 27.91
CA LEU A 207 -10.45 5.22 28.09
C LEU A 207 -9.53 6.27 27.47
N CYS A 208 -10.07 7.18 26.65
CA CYS A 208 -9.25 8.09 25.85
CA CYS A 208 -9.20 8.03 25.86
C CYS A 208 -8.42 9.01 26.74
N PRO A 209 -7.14 9.25 26.43
CA PRO A 209 -6.39 10.22 27.24
C PRO A 209 -6.86 11.66 27.09
N VAL A 210 -7.68 11.98 26.09
CA VAL A 210 -8.05 13.37 25.86
C VAL A 210 -9.56 13.53 25.77
N GLN A 211 -10.31 12.70 26.53
CA GLN A 211 -11.76 12.81 26.55
C GLN A 211 -12.21 14.23 26.88
N ALA A 212 -11.39 14.97 27.63
CA ALA A 212 -11.79 16.30 28.06
C ALA A 212 -11.82 17.29 26.90
N TYR A 213 -10.88 17.18 25.96
CA TYR A 213 -10.72 18.20 24.93
C TYR A 213 -11.54 17.92 23.68
N CYS A 214 -12.36 16.88 23.71
CA CYS A 214 -13.06 16.40 22.51
CA CYS A 214 -13.04 16.42 22.51
C CYS A 214 -14.43 17.04 22.40
N GLN A 215 -14.62 17.87 21.36
CA GLN A 215 -15.93 18.44 21.12
C GLN A 215 -16.92 17.37 20.72
N ALA A 216 -16.49 16.35 19.98
CA ALA A 216 -17.42 15.31 19.56
C ALA A 216 -17.97 14.53 20.75
N PHE A 217 -17.08 14.10 21.65
CA PHE A 217 -17.57 13.32 22.79
C PHE A 217 -18.49 14.16 23.65
N ALA A 218 -18.10 15.41 23.90
CA ALA A 218 -18.97 16.36 24.59
C ALA A 218 -20.36 16.41 23.97
N GLU A 219 -20.45 16.44 22.63
CA GLU A 219 -21.75 16.49 22.01
C GLU A 219 -22.34 15.10 21.77
N GLY A 220 -21.56 14.04 21.98
CA GLY A 220 -22.05 12.69 21.81
C GLY A 220 -22.12 12.22 20.38
N VAL A 221 -21.16 12.65 19.54
CA VAL A 221 -21.20 12.42 18.10
C VAL A 221 -19.87 11.88 17.58
N ALA A 222 -19.04 11.33 18.47
CA ALA A 222 -17.82 10.68 18.01
C ALA A 222 -18.10 9.69 16.89
N GLU A 223 -19.16 8.91 17.04
CA GLU A 223 -19.44 7.88 16.03
C GLU A 223 -19.83 8.45 14.68
N GLU A 224 -20.17 9.73 14.59
CA GLU A 224 -20.60 10.33 13.33
C GLU A 224 -19.48 11.02 12.58
N LEU A 225 -18.26 11.01 13.11
CA LEU A 225 -17.11 11.59 12.45
C LEU A 225 -16.06 10.52 12.19
N PRO A 226 -15.17 10.74 11.22
CA PRO A 226 -15.06 11.90 10.33
C PRO A 226 -16.16 11.82 9.28
N VAL A 227 -16.36 12.91 8.55
CA VAL A 227 -17.27 12.92 7.42
C VAL A 227 -16.48 12.47 6.19
N LYS A 228 -16.86 11.32 5.64
CA LYS A 228 -16.24 10.75 4.45
C LYS A 228 -17.34 10.42 3.44
N MET A 229 -17.21 10.96 2.22
CA MET A 229 -18.15 10.66 1.14
C MET A 229 -18.29 9.15 0.99
N LYS A 230 -19.49 8.71 0.62
CA LYS A 230 -19.75 7.28 0.47
C LYS A 230 -19.24 6.79 -0.88
N LYS A 231 -18.55 5.65 -0.87
CA LYS A 231 -17.91 5.13 -2.07
C LYS A 231 -18.94 4.73 -3.11
N THR A 232 -18.65 5.04 -4.37
CA THR A 232 -19.52 4.68 -5.47
C THR A 232 -19.28 3.24 -5.90
N ALA A 233 -20.33 2.60 -6.42
CA ALA A 233 -20.19 1.24 -6.93
C ALA A 233 -19.17 1.20 -8.06
N VAL A 234 -18.51 0.05 -8.21
CA VAL A 234 -17.37 -0.06 -9.11
C VAL A 234 -17.75 -0.89 -10.33
N LYS A 235 -16.97 -0.69 -11.39
CA LYS A 235 -17.18 -1.41 -12.63
C LYS A 235 -16.87 -2.89 -12.47
N GLN A 236 -17.63 -3.71 -13.18
CA GLN A 236 -17.34 -5.14 -13.29
C GLN A 236 -16.67 -5.41 -14.63
N VAL A 237 -15.63 -6.24 -14.60
CA VAL A 237 -14.79 -6.45 -15.78
C VAL A 237 -14.54 -7.93 -16.00
N PRO A 238 -15.13 -8.55 -17.02
CA PRO A 238 -14.85 -9.98 -17.27
C PRO A 238 -13.46 -10.18 -17.88
N LEU A 239 -12.78 -11.23 -17.42
CA LEU A 239 -11.39 -11.49 -17.78
C LEU A 239 -11.16 -12.98 -18.00
N ALA A 240 -10.73 -13.32 -19.22
CA ALA A 240 -10.36 -14.68 -19.58
C ALA A 240 -8.86 -14.85 -19.45
N VAL A 241 -8.44 -15.93 -18.80
CA VAL A 241 -7.05 -16.20 -18.50
C VAL A 241 -6.69 -17.59 -19.03
N ALA A 242 -5.54 -17.67 -19.70
CA ALA A 242 -5.05 -18.92 -20.23
C ALA A 242 -3.90 -19.42 -19.37
N VAL A 243 -3.93 -20.70 -19.02
CA VAL A 243 -2.80 -21.38 -18.39
C VAL A 243 -2.28 -22.38 -19.42
N LEU A 244 -1.19 -22.02 -20.10
CA LEU A 244 -0.67 -22.76 -21.25
C LEU A 244 0.63 -23.46 -20.87
N ALA A 245 0.63 -24.79 -20.93
CA ALA A 245 1.79 -25.57 -20.55
C ALA A 245 2.20 -26.43 -21.72
N ASP A 246 3.51 -26.49 -21.97
CA ASP A 246 4.04 -27.36 -23.02
C ASP A 246 4.19 -28.77 -22.44
N ASP A 247 4.88 -29.65 -23.17
CA ASP A 247 5.03 -31.04 -22.73
C ASP A 247 6.12 -31.20 -21.68
N GLU A 248 6.99 -30.21 -21.52
CA GLU A 248 8.00 -30.24 -20.47
C GLU A 248 7.49 -29.61 -19.16
N GLY A 249 6.21 -29.27 -19.09
CA GLY A 249 5.65 -28.65 -17.91
C GLY A 249 5.91 -27.17 -17.77
N ARG A 250 6.51 -26.53 -18.77
CA ARG A 250 6.78 -25.10 -18.73
C ARG A 250 5.51 -24.33 -19.05
N VAL A 251 5.38 -23.14 -18.48
CA VAL A 251 4.15 -22.36 -18.56
C VAL A 251 4.45 -20.99 -19.14
N LEU A 252 3.53 -20.49 -19.95
CA LEU A 252 3.68 -19.20 -20.61
C LEU A 252 3.12 -18.11 -19.72
N ILE A 253 3.96 -17.14 -19.39
CA ILE A 253 3.59 -15.98 -18.58
C ILE A 253 4.08 -14.74 -19.31
N ARG A 254 3.54 -13.59 -18.94
CA ARG A 254 3.90 -12.34 -19.57
C ARG A 254 4.02 -11.23 -18.52
N LYS A 255 4.84 -10.23 -18.83
CA LYS A 255 5.05 -9.08 -17.95
C LYS A 255 4.17 -7.93 -18.42
N ARG A 256 3.32 -7.46 -17.52
CA ARG A 256 2.40 -6.39 -17.83
C ARG A 256 3.17 -5.10 -18.05
N ASP A 257 2.55 -4.18 -18.80
CA ASP A 257 3.16 -2.90 -19.12
C ASP A 257 3.52 -2.15 -17.84
N SER A 258 4.44 -1.19 -17.99
CA SER A 258 4.85 -0.35 -16.86
C SER A 258 3.84 0.74 -16.54
N THR A 259 2.74 0.83 -17.29
CA THR A 259 1.78 1.91 -17.14
C THR A 259 0.40 1.35 -16.86
N GLY A 260 -0.17 1.72 -15.71
CA GLY A 260 -1.54 1.36 -15.43
C GLY A 260 -1.73 0.35 -14.33
N LEU A 261 -2.72 -0.52 -14.53
CA LEU A 261 -3.10 -1.51 -13.53
C LEU A 261 -2.00 -2.56 -13.42
N LEU A 262 -1.63 -2.88 -12.18
CA LEU A 262 -0.69 -3.95 -11.86
C LEU A 262 0.56 -3.88 -12.74
N ALA A 263 1.17 -2.71 -12.77
CA ALA A 263 2.27 -2.44 -13.68
C ALA A 263 3.50 -3.27 -13.35
N ASN A 264 4.08 -3.87 -14.40
CA ASN A 264 5.32 -4.63 -14.35
C ASN A 264 5.19 -5.91 -13.55
N LEU A 265 3.97 -6.30 -13.18
CA LEU A 265 3.77 -7.61 -12.59
C LEU A 265 3.62 -8.66 -13.69
N TRP A 266 3.96 -9.90 -13.35
CA TRP A 266 3.77 -11.02 -14.25
C TRP A 266 2.37 -11.59 -14.09
N GLU A 267 1.89 -12.23 -15.15
CA GLU A 267 0.54 -12.76 -15.17
C GLU A 267 0.45 -13.89 -16.16
N PHE A 268 -0.58 -14.65 -16.03
CA PHE A 268 -0.89 -15.55 -17.13
C PHE A 268 -1.63 -14.81 -18.24
N PRO A 269 -1.30 -15.05 -19.50
CA PRO A 269 -1.95 -14.31 -20.59
C PRO A 269 -3.46 -14.24 -20.42
N SER A 270 -4.01 -13.05 -20.66
CA SER A 270 -5.40 -12.78 -20.32
C SER A 270 -5.93 -11.76 -21.31
N CYS A 271 -7.26 -11.75 -21.46
CA CYS A 271 -7.94 -10.81 -22.33
C CYS A 271 -9.24 -10.38 -21.67
N GLU A 272 -9.51 -9.07 -21.67
CA GLU A 272 -10.80 -8.55 -21.25
C GLU A 272 -11.86 -8.89 -22.29
N THR A 273 -12.88 -9.64 -21.89
CA THR A 273 -13.80 -10.25 -22.84
C THR A 273 -15.05 -9.42 -23.08
N ASP A 274 -15.48 -8.65 -22.09
CA ASP A 274 -16.75 -7.94 -22.16
C ASP A 274 -17.90 -8.95 -22.31
N ASP A 277 -16.81 -14.12 -26.37
CA ASP A 277 -16.43 -15.41 -25.79
C ASP A 277 -14.95 -15.48 -25.51
N GLY A 278 -14.63 -15.91 -24.29
CA GLY A 278 -13.27 -15.86 -23.81
C GLY A 278 -12.32 -16.75 -24.59
N LYS A 279 -12.68 -18.03 -24.74
CA LYS A 279 -11.78 -18.95 -25.43
C LYS A 279 -11.39 -18.42 -26.79
N GLU A 280 -12.35 -17.84 -27.53
CA GLU A 280 -12.05 -17.36 -28.88
C GLU A 280 -11.06 -16.19 -28.83
N LYS A 281 -11.31 -15.23 -27.93
CA LYS A 281 -10.41 -14.09 -27.82
C LYS A 281 -9.02 -14.52 -27.35
N LEU A 282 -8.95 -15.44 -26.38
CA LEU A 282 -7.66 -15.93 -25.91
C LEU A 282 -6.88 -16.60 -27.03
N GLU A 283 -7.51 -17.56 -27.72
CA GLU A 283 -6.87 -18.23 -28.85
C GLU A 283 -6.44 -17.22 -29.91
N GLN A 284 -7.29 -16.21 -30.16
CA GLN A 284 -6.94 -15.16 -31.11
C GLN A 284 -5.78 -14.32 -30.61
N MET A 285 -5.74 -14.01 -29.31
CA MET A 285 -4.71 -13.14 -28.77
CA MET A 285 -4.70 -13.14 -28.78
C MET A 285 -3.34 -13.83 -28.78
N VAL A 286 -3.29 -15.07 -28.28
CA VAL A 286 -2.00 -15.75 -28.20
C VAL A 286 -1.55 -16.20 -29.58
N GLY A 287 -2.48 -16.41 -30.51
CA GLY A 287 -2.09 -16.68 -31.88
C GLY A 287 -1.30 -15.55 -32.49
N GLU A 288 -1.75 -14.31 -32.27
CA GLU A 288 -1.06 -13.13 -32.77
C GLU A 288 0.29 -12.97 -32.05
C VAL A 294 -4.46 -23.38 -29.40
N GLU A 295 -4.84 -24.38 -28.62
CA GLU A 295 -6.24 -24.79 -28.50
C GLU A 295 -6.56 -24.94 -27.02
N LEU A 296 -7.63 -24.29 -26.59
CA LEU A 296 -8.03 -24.28 -25.19
C LEU A 296 -9.20 -25.22 -24.95
N THR A 297 -9.26 -25.76 -23.74
CA THR A 297 -10.36 -26.61 -23.31
C THR A 297 -11.39 -25.77 -22.57
N GLU A 298 -12.38 -26.45 -21.99
CA GLU A 298 -13.45 -25.76 -21.30
C GLU A 298 -12.92 -25.04 -20.07
N PRO A 299 -13.67 -24.07 -19.54
CA PRO A 299 -13.26 -23.43 -18.30
C PRO A 299 -13.20 -24.43 -17.17
N ILE A 300 -12.27 -24.22 -16.25
CA ILE A 300 -12.16 -25.06 -15.06
C ILE A 300 -12.61 -24.34 -13.80
N VAL A 301 -12.57 -23.01 -13.76
CA VAL A 301 -13.04 -22.28 -12.61
C VAL A 301 -13.34 -20.85 -13.03
N SER A 302 -14.21 -20.19 -12.27
CA SER A 302 -14.56 -18.79 -12.47
C SER A 302 -14.73 -18.14 -11.09
N PHE A 303 -13.97 -17.09 -10.82
CA PHE A 303 -14.03 -16.41 -9.52
C PHE A 303 -13.83 -14.91 -9.72
N GLU A 304 -14.25 -14.13 -8.72
CA GLU A 304 -14.09 -12.68 -8.68
C GLU A 304 -12.88 -12.24 -7.86
N HIS A 305 -12.39 -11.05 -8.19
CA HIS A 305 -11.26 -10.48 -7.47
C HIS A 305 -11.45 -8.98 -7.44
N ALA A 306 -11.44 -8.40 -6.24
CA ALA A 306 -11.76 -6.99 -6.08
C ALA A 306 -10.52 -6.12 -6.11
N PHE A 307 -10.66 -4.98 -6.75
CA PHE A 307 -9.77 -3.84 -6.66
C PHE A 307 -10.56 -2.69 -6.02
N SER A 308 -9.86 -1.60 -5.72
CA SER A 308 -10.56 -0.44 -5.17
C SER A 308 -11.57 0.13 -6.14
N HIS A 309 -11.29 0.05 -7.43
CA HIS A 309 -12.09 0.78 -8.40
C HIS A 309 -12.70 -0.11 -9.46
N LEU A 310 -12.53 -1.42 -9.35
CA LEU A 310 -13.15 -2.32 -10.30
C LEU A 310 -13.13 -3.72 -9.71
N VAL A 311 -13.87 -4.63 -10.33
CA VAL A 311 -13.90 -6.03 -9.92
C VAL A 311 -13.64 -6.90 -11.14
N TRP A 312 -12.64 -7.77 -11.06
CA TRP A 312 -12.39 -8.73 -12.12
C TRP A 312 -13.29 -9.96 -11.93
N GLN A 313 -13.93 -10.40 -13.00
CA GLN A 313 -14.65 -11.67 -13.03
C GLN A 313 -13.81 -12.61 -13.89
N LEU A 314 -13.02 -13.47 -13.25
CA LEU A 314 -12.02 -14.26 -13.95
C LEU A 314 -12.59 -15.62 -14.31
N THR A 315 -12.13 -16.13 -15.45
CA THR A 315 -12.45 -17.47 -15.95
C THR A 315 -11.17 -18.06 -16.51
N VAL A 316 -10.79 -19.24 -16.00
CA VAL A 316 -9.51 -19.89 -16.29
C VAL A 316 -9.72 -20.97 -17.33
N PHE A 317 -8.91 -20.94 -18.41
CA PHE A 317 -8.97 -21.92 -19.49
C PHE A 317 -7.65 -22.68 -19.59
N PRO A 318 -7.60 -23.97 -19.29
CA PRO A 318 -6.37 -24.73 -19.52
C PRO A 318 -6.04 -24.78 -21.00
N GLY A 319 -4.74 -24.89 -21.32
CA GLY A 319 -4.29 -24.88 -22.70
C GLY A 319 -3.03 -25.70 -22.92
N ARG A 320 -2.81 -26.09 -24.17
CA ARG A 320 -1.63 -26.85 -24.57
C ARG A 320 -0.77 -25.96 -25.47
N LEU A 321 0.53 -25.92 -25.21
CA LEU A 321 1.46 -25.05 -25.92
C LEU A 321 2.45 -25.89 -26.72
N VAL A 322 2.46 -25.71 -28.04
CA VAL A 322 3.45 -26.30 -28.91
C VAL A 322 4.33 -25.20 -29.49
N HIS A 323 5.65 -25.38 -29.39
CA HIS A 323 6.60 -24.32 -29.75
C HIS A 323 6.77 -24.27 -31.26
N GLY A 324 6.23 -23.22 -31.86
CA GLY A 324 6.39 -22.97 -33.29
C GLY A 324 7.33 -21.82 -33.61
N GLY A 325 7.98 -21.24 -32.59
CA GLY A 325 8.91 -20.17 -32.80
C GLY A 325 9.51 -19.65 -31.50
N PRO A 326 10.13 -18.49 -31.55
CA PRO A 326 10.73 -17.92 -30.33
C PRO A 326 9.71 -17.27 -29.42
N VAL A 327 9.88 -17.49 -28.12
CA VAL A 327 9.06 -16.78 -27.14
C VAL A 327 9.55 -15.34 -27.08
N GLU A 328 8.76 -14.41 -27.63
CA GLU A 328 9.14 -13.01 -27.68
C GLU A 328 8.58 -12.25 -26.48
N GLU A 329 9.23 -11.15 -26.14
CA GLU A 329 8.70 -10.26 -25.12
C GLU A 329 7.31 -9.78 -25.53
N PRO A 330 6.44 -9.50 -24.56
CA PRO A 330 6.65 -9.50 -23.10
C PRO A 330 6.68 -10.89 -22.49
N TYR A 331 6.46 -11.95 -23.28
CA TYR A 331 6.24 -13.30 -22.74
C TYR A 331 7.55 -13.97 -22.34
N ARG A 332 7.42 -14.96 -21.45
CA ARG A 332 8.56 -15.72 -20.97
C ARG A 332 8.06 -17.12 -20.67
N LEU A 333 8.85 -18.12 -21.05
CA LEU A 333 8.49 -19.52 -20.82
C LEU A 333 9.11 -19.94 -19.49
N ALA A 334 8.25 -20.23 -18.51
CA ALA A 334 8.69 -20.46 -17.14
C ALA A 334 8.50 -21.92 -16.78
N PRO A 335 9.56 -22.66 -16.43
CA PRO A 335 9.37 -23.95 -15.77
C PRO A 335 8.51 -23.79 -14.53
N GLU A 336 7.59 -24.73 -14.32
CA GLU A 336 6.72 -24.67 -13.16
C GLU A 336 7.52 -24.34 -11.89
N ASP A 337 8.72 -24.90 -11.76
CA ASP A 337 9.53 -24.65 -10.57
C ASP A 337 9.94 -23.19 -10.46
N GLU A 338 10.06 -22.47 -11.58
CA GLU A 338 10.55 -21.10 -11.57
C GLU A 338 9.43 -20.05 -11.51
N LEU A 339 8.16 -20.47 -11.52
CA LEU A 339 7.06 -19.53 -11.35
C LEU A 339 7.20 -18.80 -10.02
N LYS A 340 7.62 -19.52 -8.97
CA LYS A 340 7.74 -18.94 -7.65
C LYS A 340 8.65 -17.72 -7.63
N ALA A 341 9.50 -17.56 -8.64
CA ALA A 341 10.44 -16.45 -8.65
C ALA A 341 9.83 -15.16 -9.19
N TYR A 342 8.67 -15.23 -9.79
CA TYR A 342 8.04 -14.06 -10.39
C TYR A 342 6.95 -13.54 -9.46
N ALA A 343 6.71 -12.23 -9.55
CA ALA A 343 5.70 -11.54 -8.77
C ALA A 343 4.40 -11.52 -9.56
N PHE A 344 3.42 -12.19 -9.07
CA PHE A 344 2.11 -12.21 -9.65
C PHE A 344 1.13 -11.43 -8.77
N PRO A 345 0.11 -10.82 -9.34
CA PRO A 345 -0.97 -10.29 -8.50
C PRO A 345 -1.73 -11.43 -7.85
N VAL A 346 -2.43 -11.09 -6.78
CA VAL A 346 -3.11 -12.11 -6.00
C VAL A 346 -4.14 -12.83 -6.86
N SER A 347 -4.78 -12.11 -7.79
CA SER A 347 -5.76 -12.75 -8.66
C SER A 347 -5.13 -13.90 -9.44
N HIS A 348 -3.93 -13.69 -9.97
CA HIS A 348 -3.28 -14.73 -10.76
C HIS A 348 -2.58 -15.76 -9.89
N GLN A 349 -2.22 -15.42 -8.65
CA GLN A 349 -1.83 -16.48 -7.74
C GLN A 349 -2.98 -17.45 -7.55
N ARG A 350 -4.20 -16.93 -7.45
CA ARG A 350 -5.31 -17.85 -7.30
C ARG A 350 -5.55 -18.64 -8.59
N VAL A 351 -5.41 -18.00 -9.75
CA VAL A 351 -5.49 -18.75 -11.01
C VAL A 351 -4.58 -19.96 -10.96
N TRP A 352 -3.33 -19.76 -10.56
CA TRP A 352 -2.40 -20.89 -10.58
C TRP A 352 -2.84 -21.94 -9.58
N ARG A 353 -3.28 -21.53 -8.39
CA ARG A 353 -3.73 -22.49 -7.38
C ARG A 353 -4.90 -23.31 -7.89
N GLU A 354 -5.86 -22.66 -8.56
CA GLU A 354 -7.04 -23.37 -9.05
C GLU A 354 -6.67 -24.29 -10.20
N TYR A 355 -5.71 -23.85 -11.02
CA TYR A 355 -5.25 -24.71 -12.10
C TYR A 355 -4.52 -25.93 -11.54
N LYS A 356 -3.78 -25.76 -10.44
CA LYS A 356 -3.05 -26.90 -9.88
C LYS A 356 -3.97 -27.81 -9.08
N GLU A 357 -4.96 -27.24 -8.39
CA GLU A 357 -5.98 -28.06 -7.74
C GLU A 357 -6.79 -28.86 -8.75
N TRP A 358 -7.18 -28.24 -9.86
CA TRP A 358 -7.88 -28.97 -10.90
C TRP A 358 -7.02 -30.10 -11.45
N ALA A 359 -5.75 -29.82 -11.70
CA ALA A 359 -4.85 -30.84 -12.24
C ALA A 359 -4.79 -32.07 -11.35
N SER A 360 -4.95 -31.90 -10.02
CA SER A 360 -4.87 -33.03 -9.09
C SER A 360 -5.96 -34.06 -9.35
#